data_1WPC
#
_entry.id   1WPC
#
_cell.length_a   47.410
_cell.length_b   82.490
_cell.length_c   126.880
_cell.angle_alpha   90.00
_cell.angle_beta   90.00
_cell.angle_gamma   90.00
#
_symmetry.space_group_name_H-M   'P 21 21 21'
#
loop_
_entity.id
_entity.type
_entity.pdbx_description
1 polymer 'Glucan 1,4-alpha-maltohexaosidase'
2 branched 4,6-dideoxy-alpha-D-xylo-hexopyranose-(1-4)-alpha-D-glucopyranose-(1-4)-alpha-D-glucopyranose-(1-4)-alpha-D-glucopyranose
3 branched 4,6-dideoxy-alpha-D-xylo-hexopyranose-(1-4)-alpha-D-glucopyranose-(1-4)-beta-D-galactopyranose
4 branched alpha-D-glucopyranose-(1-4)-alpha-D-glucopyranose
5 non-polymer 6-AMINO-4-HYDROXYMETHYL-CYCLOHEX-4-ENE-1,2,3-TRIOL
6 non-polymer 'CALCIUM ION'
7 non-polymer 'SODIUM ION'
8 water water
#
_entity_poly.entity_id   1
_entity_poly.type   'polypeptide(L)'
_entity_poly.pdbx_seq_one_letter_code
;HHNGTNGTMMQYFEWYLPNDGNHWNRLNSDASNLKSKGITAVWIPPAWKGASQNDVGYGAYDLYDLGEFNQKGTVRTKYG
TRSQLQAAVTSLKNNGIQVYGDVVMNHKGGADATEMVRAVEVNPNNRNQEVTGEYTIEAWTRFDFPGRGNTHSSFKWRWY
HFDGVDWDQSRRLNNRIYKFRGHGKAWDWEVDTENGNYDYLMYADIDMDHPEVVNELRNWGVWYTNTLGLDGFRIDAVKH
IKYSFTRDWINHVRSATGKNMFAVAEFWKNDLGAIENYLQKTNWNHSVFDVPLHYNLYNASKSGGNYDMRNIFNGTVVQR
HPSHAVTFVDNHDSQPEEALESFVEEWFKPLAYALTLTREQGYPSVFYGDYYGIPTHGVPAMRSKIDPILEARQKYAYGK
QNDYLDHHNIIGWTREGNTAHPNSGLATIMSDGAGGSKWMFVGRNKAGQVWSDITGNRTGTVTINADGWGNFSVNGGSVS
IWVNK
;
_entity_poly.pdbx_strand_id   A
#
# COMPACT_ATOMS: atom_id res chain seq x y z
N THR A 5 12.11 -11.36 14.31
CA THR A 5 11.61 -12.29 13.25
C THR A 5 10.36 -11.75 12.53
N ASN A 6 9.47 -11.09 13.25
CA ASN A 6 8.27 -10.54 12.63
C ASN A 6 8.61 -9.33 11.75
N GLY A 7 8.22 -9.41 10.47
CA GLY A 7 8.48 -8.32 9.56
C GLY A 7 7.38 -7.27 9.58
N THR A 8 7.77 -6.01 9.37
CA THR A 8 6.81 -4.91 9.37
C THR A 8 7.26 -3.87 8.34
N MET A 9 6.40 -3.53 7.40
CA MET A 9 6.78 -2.55 6.40
C MET A 9 6.18 -1.19 6.75
N MET A 10 6.72 -0.14 6.13
CA MET A 10 6.22 1.20 6.37
C MET A 10 6.09 1.97 5.07
N GLN A 11 4.92 2.59 4.85
CA GLN A 11 4.71 3.40 3.66
C GLN A 11 5.39 4.71 4.06
N TYR A 12 6.56 4.97 3.51
CA TYR A 12 7.29 6.17 3.91
C TYR A 12 6.94 7.46 3.21
N PHE A 13 5.65 7.81 3.24
CA PHE A 13 5.17 9.07 2.67
C PHE A 13 3.69 9.26 2.90
N GLU A 14 3.24 10.50 2.72
CA GLU A 14 1.84 10.86 2.85
C GLU A 14 1.59 11.85 1.71
N TRP A 15 0.34 12.03 1.33
CA TRP A 15 0.02 12.92 0.20
C TRP A 15 0.45 14.37 0.30
N TYR A 16 0.35 14.95 1.49
CA TYR A 16 0.68 16.37 1.66
C TYR A 16 2.06 16.76 2.15
N LEU A 17 3.05 15.90 1.93
CA LEU A 17 4.41 16.23 2.34
C LEU A 17 4.78 17.50 1.59
N PRO A 18 5.65 18.33 2.16
CA PRO A 18 6.05 19.58 1.51
C PRO A 18 6.89 19.30 0.26
N ASN A 19 6.75 20.14 -0.76
CA ASN A 19 7.52 19.98 -1.98
C ASN A 19 8.86 20.68 -1.79
N ASP A 20 9.68 20.13 -0.89
CA ASP A 20 10.98 20.71 -0.58
C ASP A 20 12.18 19.92 -1.11
N GLY A 21 11.91 18.80 -1.76
CA GLY A 21 12.98 17.97 -2.31
C GLY A 21 13.94 17.41 -1.27
N ASN A 22 13.47 17.27 -0.04
CA ASN A 22 14.33 16.75 1.02
C ASN A 22 13.81 15.47 1.66
N HIS A 23 12.87 14.80 1.01
CA HIS A 23 12.32 13.58 1.58
C HIS A 23 13.29 12.41 1.55
N TRP A 24 14.05 12.29 0.47
CA TRP A 24 15.01 11.20 0.37
C TRP A 24 16.02 11.36 1.51
N ASN A 25 16.40 12.60 1.80
CA ASN A 25 17.35 12.85 2.88
C ASN A 25 16.73 12.50 4.22
N ARG A 26 15.45 12.82 4.40
CA ARG A 26 14.77 12.51 5.64
C ARG A 26 14.78 11.00 5.86
N LEU A 27 14.49 10.24 4.80
CA LEU A 27 14.48 8.79 4.88
C LEU A 27 15.88 8.30 5.22
N ASN A 28 16.87 8.87 4.55
CA ASN A 28 18.28 8.54 4.77
C ASN A 28 18.64 8.58 6.25
N SER A 29 18.42 9.72 6.88
CA SER A 29 18.75 9.92 8.28
C SER A 29 17.83 9.19 9.28
N ASP A 30 16.69 8.71 8.80
CA ASP A 30 15.74 8.02 9.68
C ASP A 30 15.93 6.51 9.65
N ALA A 31 16.79 6.03 8.77
CA ALA A 31 17.05 4.60 8.62
C ALA A 31 17.33 3.83 9.92
N SER A 32 18.36 4.24 10.66
CA SER A 32 18.70 3.53 11.89
C SER A 32 17.55 3.56 12.90
N ASN A 33 16.87 4.69 12.99
CA ASN A 33 15.74 4.84 13.90
C ASN A 33 14.63 3.84 13.56
N LEU A 34 14.27 3.77 12.28
CA LEU A 34 13.22 2.86 11.84
C LEU A 34 13.54 1.41 12.19
N LYS A 35 14.78 0.99 11.93
CA LYS A 35 15.20 -0.37 12.23
C LYS A 35 15.09 -0.65 13.72
N SER A 36 15.48 0.31 14.54
CA SER A 36 15.43 0.15 15.98
C SER A 36 14.00 0.00 16.50
N LYS A 37 13.04 0.58 15.78
CA LYS A 37 11.64 0.53 16.18
C LYS A 37 10.90 -0.71 15.68
N GLY A 38 11.56 -1.51 14.84
CA GLY A 38 10.91 -2.71 14.34
C GLY A 38 10.55 -2.70 12.86
N ILE A 39 10.86 -1.62 12.16
CA ILE A 39 10.56 -1.54 10.73
C ILE A 39 11.62 -2.33 9.96
N THR A 40 11.18 -3.28 9.15
CA THR A 40 12.10 -4.12 8.38
C THR A 40 12.09 -3.89 6.87
N ALA A 41 11.11 -3.12 6.39
CA ALA A 41 11.01 -2.84 4.96
C ALA A 41 10.34 -1.49 4.77
N VAL A 42 10.76 -0.78 3.73
CA VAL A 42 10.19 0.53 3.44
C VAL A 42 9.69 0.65 2.00
N TRP A 43 8.45 1.08 1.87
CA TRP A 43 7.84 1.32 0.58
C TRP A 43 8.04 2.81 0.33
N ILE A 44 8.86 3.13 -0.66
CA ILE A 44 9.14 4.52 -0.99
C ILE A 44 8.15 5.08 -2.01
N PRO A 45 7.92 6.40 -1.97
CA PRO A 45 6.98 7.01 -2.91
C PRO A 45 7.53 6.93 -4.33
N PRO A 46 6.68 7.15 -5.34
CA PRO A 46 7.14 7.10 -6.73
C PRO A 46 8.45 7.87 -6.82
N ALA A 47 9.48 7.24 -7.37
CA ALA A 47 10.80 7.84 -7.46
C ALA A 47 11.11 8.56 -8.76
N TRP A 48 10.18 8.49 -9.71
CA TRP A 48 10.35 9.09 -11.04
C TRP A 48 9.71 10.46 -11.18
N LYS A 49 9.98 11.11 -12.31
CA LYS A 49 9.45 12.44 -12.62
C LYS A 49 7.95 12.40 -12.90
N GLY A 50 7.20 13.25 -12.20
CA GLY A 50 5.76 13.30 -12.41
C GLY A 50 5.42 14.39 -13.42
N ALA A 51 4.14 14.69 -13.58
CA ALA A 51 3.69 15.71 -14.52
C ALA A 51 4.21 17.10 -14.13
N SER A 52 4.66 17.23 -12.90
CA SER A 52 5.20 18.49 -12.40
C SER A 52 6.08 18.18 -11.20
N GLN A 53 6.81 19.16 -10.70
CA GLN A 53 7.68 18.94 -9.56
C GLN A 53 6.93 18.53 -8.30
N ASN A 54 5.79 19.16 -8.04
CA ASN A 54 5.05 18.83 -6.83
C ASN A 54 4.05 17.68 -6.96
N ASP A 55 4.16 16.92 -8.04
CA ASP A 55 3.28 15.77 -8.24
C ASP A 55 3.72 14.70 -7.24
N VAL A 56 2.76 14.01 -6.62
CA VAL A 56 3.11 12.97 -5.66
C VAL A 56 3.87 11.85 -6.39
N GLY A 57 3.67 11.77 -7.71
CA GLY A 57 4.36 10.75 -8.50
C GLY A 57 3.43 9.87 -9.32
N TYR A 58 2.15 9.87 -8.98
CA TYR A 58 1.20 9.03 -9.71
C TYR A 58 0.82 9.64 -11.07
N GLY A 59 1.20 10.89 -11.27
CA GLY A 59 0.97 11.52 -12.55
C GLY A 59 2.27 11.23 -13.27
N ALA A 60 2.58 9.94 -13.34
CA ALA A 60 3.81 9.41 -13.94
C ALA A 60 4.13 9.84 -15.37
N TYR A 61 5.16 10.67 -15.50
CA TYR A 61 5.61 11.17 -16.79
C TYR A 61 6.75 10.32 -17.39
N ASP A 62 7.85 10.20 -16.67
CA ASP A 62 9.00 9.44 -17.16
C ASP A 62 9.61 8.51 -16.11
N LEU A 63 9.34 7.22 -16.26
CA LEU A 63 9.82 6.21 -15.32
C LEU A 63 11.34 6.03 -15.29
N TYR A 64 12.05 6.62 -16.25
CA TYR A 64 13.51 6.53 -16.32
C TYR A 64 14.19 7.76 -15.75
N ASP A 65 13.38 8.73 -15.32
CA ASP A 65 13.90 9.98 -14.77
C ASP A 65 13.65 10.00 -13.26
N LEU A 66 14.61 9.48 -12.50
CA LEU A 66 14.49 9.42 -11.05
C LEU A 66 15.03 10.69 -10.39
N GLY A 67 14.67 11.84 -10.95
CA GLY A 67 15.16 13.11 -10.42
C GLY A 67 16.57 13.33 -10.91
N GLU A 68 16.83 12.95 -12.16
CA GLU A 68 18.14 13.07 -12.77
C GLU A 68 18.21 14.02 -13.96
N PHE A 69 17.07 14.22 -14.64
CA PHE A 69 17.04 15.08 -15.82
C PHE A 69 16.16 16.31 -15.68
N ASN A 70 16.47 17.34 -16.46
CA ASN A 70 15.69 18.57 -16.44
C ASN A 70 14.46 18.38 -17.32
N GLN A 71 13.37 17.93 -16.72
CA GLN A 71 12.12 17.71 -17.45
C GLN A 71 10.95 18.16 -16.58
N LYS A 72 9.95 18.77 -17.22
CA LYS A 72 8.76 19.26 -16.54
C LYS A 72 9.06 20.46 -15.65
N GLY A 73 10.15 21.15 -15.99
CA GLY A 73 10.54 22.33 -15.25
C GLY A 73 11.32 22.07 -13.97
N THR A 74 11.90 20.89 -13.85
CA THR A 74 12.64 20.54 -12.65
C THR A 74 13.57 19.36 -12.88
N VAL A 75 14.66 19.30 -12.14
CA VAL A 75 15.57 18.18 -12.25
C VAL A 75 15.10 17.18 -11.19
N ARG A 76 15.04 17.63 -9.94
CA ARG A 76 14.60 16.75 -8.86
C ARG A 76 13.10 16.46 -8.93
N THR A 77 12.69 15.40 -8.26
CA THR A 77 11.27 15.06 -8.18
C THR A 77 10.85 15.82 -6.93
N LYS A 78 9.62 15.61 -6.48
CA LYS A 78 9.14 16.27 -5.27
C LYS A 78 9.98 15.86 -4.07
N TYR A 79 10.48 14.62 -4.13
CA TYR A 79 11.25 14.03 -3.03
C TYR A 79 12.75 14.30 -3.01
N GLY A 80 13.32 14.66 -4.14
CA GLY A 80 14.75 14.92 -4.19
C GLY A 80 15.38 14.48 -5.50
N THR A 81 16.70 14.46 -5.56
CA THR A 81 17.41 14.07 -6.77
C THR A 81 17.72 12.57 -6.78
N ARG A 82 18.14 12.06 -7.94
CA ARG A 82 18.47 10.64 -8.02
C ARG A 82 19.59 10.30 -7.04
N SER A 83 20.54 11.22 -6.91
CA SER A 83 21.68 11.03 -6.02
C SER A 83 21.22 10.86 -4.57
N GLN A 84 20.32 11.73 -4.11
CA GLN A 84 19.82 11.69 -2.75
C GLN A 84 19.02 10.41 -2.52
N LEU A 85 18.29 9.98 -3.54
CA LEU A 85 17.50 8.76 -3.47
C LEU A 85 18.42 7.56 -3.29
N GLN A 86 19.46 7.49 -4.12
CA GLN A 86 20.39 6.39 -4.03
C GLN A 86 21.15 6.38 -2.70
N ALA A 87 21.34 7.57 -2.12
CA ALA A 87 22.03 7.68 -0.84
C ALA A 87 21.10 7.14 0.24
N ALA A 88 19.80 7.40 0.09
CA ALA A 88 18.82 6.93 1.06
C ALA A 88 18.70 5.41 1.00
N VAL A 89 18.69 4.85 -0.22
CA VAL A 89 18.60 3.41 -0.37
C VAL A 89 19.79 2.73 0.31
N THR A 90 20.99 3.26 0.07
CA THR A 90 22.19 2.71 0.68
C THR A 90 22.09 2.72 2.21
N SER A 91 21.55 3.81 2.75
CA SER A 91 21.38 3.93 4.20
C SER A 91 20.45 2.84 4.72
N LEU A 92 19.37 2.58 3.99
CA LEU A 92 18.41 1.57 4.39
C LEU A 92 19.04 0.18 4.35
N LYS A 93 19.76 -0.10 3.26
CA LYS A 93 20.42 -1.38 3.07
C LYS A 93 21.45 -1.63 4.17
N ASN A 94 22.19 -0.57 4.54
CA ASN A 94 23.21 -0.69 5.58
C ASN A 94 22.62 -0.92 6.96
N ASN A 95 21.33 -0.62 7.11
CA ASN A 95 20.64 -0.80 8.38
C ASN A 95 19.79 -2.05 8.34
N GLY A 96 19.99 -2.86 7.31
CA GLY A 96 19.24 -4.09 7.16
C GLY A 96 17.76 -3.93 6.86
N ILE A 97 17.41 -2.89 6.13
CA ILE A 97 16.02 -2.64 5.77
C ILE A 97 15.81 -2.91 4.29
N GLN A 98 14.73 -3.62 3.96
CA GLN A 98 14.41 -3.92 2.58
C GLN A 98 13.73 -2.72 1.95
N VAL A 99 13.93 -2.54 0.64
CA VAL A 99 13.35 -1.42 -0.08
C VAL A 99 12.36 -1.83 -1.16
N TYR A 100 11.13 -1.34 -1.04
CA TYR A 100 10.09 -1.63 -2.03
C TYR A 100 9.78 -0.36 -2.80
N GLY A 101 9.92 -0.41 -4.13
CA GLY A 101 9.63 0.75 -4.93
C GLY A 101 8.22 0.72 -5.45
N ASP A 102 7.60 1.89 -5.54
CA ASP A 102 6.24 1.97 -6.06
C ASP A 102 6.35 1.70 -7.56
N VAL A 103 5.26 1.29 -8.18
CA VAL A 103 5.26 0.98 -9.62
C VAL A 103 3.97 1.45 -10.28
N VAL A 104 4.09 2.42 -11.18
CA VAL A 104 2.93 2.94 -11.90
C VAL A 104 3.01 2.61 -13.39
N MET A 105 2.28 1.58 -13.81
CA MET A 105 2.29 1.16 -15.22
C MET A 105 0.92 1.23 -15.89
N ASN A 106 -0.08 1.72 -15.18
CA ASN A 106 -1.40 1.81 -15.77
C ASN A 106 -1.52 2.91 -16.82
N HIS A 107 -0.89 4.04 -16.55
CA HIS A 107 -0.99 5.20 -17.41
C HIS A 107 0.27 6.05 -17.40
N LYS A 108 0.27 7.07 -18.27
CA LYS A 108 1.35 8.04 -18.37
C LYS A 108 0.69 9.41 -18.46
N GLY A 109 1.14 10.34 -17.64
CA GLY A 109 0.58 11.69 -17.67
C GLY A 109 1.66 12.70 -18.04
N GLY A 110 1.26 13.92 -18.37
CA GLY A 110 2.23 14.93 -18.72
C GLY A 110 2.91 14.75 -20.07
N ALA A 111 2.20 14.20 -21.05
CA ALA A 111 2.77 13.98 -22.38
C ALA A 111 3.41 15.25 -22.92
N ASP A 112 4.49 15.09 -23.68
CA ASP A 112 5.20 16.23 -24.24
C ASP A 112 4.40 16.97 -25.30
N ALA A 113 3.58 16.25 -26.05
CA ALA A 113 2.77 16.86 -27.09
C ALA A 113 1.51 16.05 -27.38
N THR A 114 0.62 16.65 -28.16
CA THR A 114 -0.63 15.98 -28.53
C THR A 114 -0.48 15.35 -29.91
N GLU A 115 -1.44 14.49 -30.26
CA GLU A 115 -1.46 13.81 -31.54
C GLU A 115 -2.91 13.72 -31.99
N MET A 116 -3.13 13.68 -33.30
CA MET A 116 -4.48 13.54 -33.82
C MET A 116 -4.74 12.03 -33.82
N VAL A 117 -5.78 11.63 -33.10
CA VAL A 117 -6.12 10.21 -32.99
C VAL A 117 -7.59 9.94 -33.26
N ARG A 118 -7.86 8.85 -33.98
CA ARG A 118 -9.22 8.44 -34.27
C ARG A 118 -9.74 7.72 -33.04
N ALA A 119 -10.95 8.05 -32.61
CA ALA A 119 -11.50 7.42 -31.43
C ALA A 119 -13.02 7.49 -31.38
N VAL A 120 -13.59 6.76 -30.44
CA VAL A 120 -15.02 6.75 -30.21
C VAL A 120 -15.21 6.95 -28.72
N GLU A 121 -16.26 7.67 -28.34
CA GLU A 121 -16.53 7.88 -26.93
C GLU A 121 -17.22 6.64 -26.39
N VAL A 122 -17.02 6.35 -25.11
CA VAL A 122 -17.66 5.21 -24.50
C VAL A 122 -18.39 5.68 -23.25
N ASN A 123 -19.38 4.91 -22.82
CA ASN A 123 -20.15 5.24 -21.63
C ASN A 123 -19.28 5.09 -20.38
N PRO A 124 -19.05 6.19 -19.65
CA PRO A 124 -18.22 6.14 -18.44
C PRO A 124 -18.69 5.09 -17.43
N ASN A 125 -19.99 4.76 -17.46
CA ASN A 125 -20.54 3.77 -16.55
C ASN A 125 -20.57 2.37 -17.15
N ASN A 126 -20.12 2.27 -18.40
CA ASN A 126 -20.02 0.99 -19.10
C ASN A 126 -19.13 1.22 -20.31
N ARG A 127 -17.82 1.17 -20.08
CA ARG A 127 -16.83 1.40 -21.12
C ARG A 127 -16.89 0.41 -22.29
N ASN A 128 -17.75 -0.60 -22.20
CA ASN A 128 -17.91 -1.57 -23.28
C ASN A 128 -18.96 -1.11 -24.27
N GLN A 129 -19.65 -0.01 -23.92
CA GLN A 129 -20.68 0.54 -24.79
C GLN A 129 -20.20 1.83 -25.45
N GLU A 130 -20.04 1.80 -26.78
CA GLU A 130 -19.61 2.98 -27.50
C GLU A 130 -20.83 3.89 -27.63
N VAL A 131 -20.63 5.19 -27.41
CA VAL A 131 -21.74 6.13 -27.47
C VAL A 131 -21.68 7.13 -28.61
N THR A 132 -20.63 7.05 -29.43
CA THR A 132 -20.51 7.94 -30.58
C THR A 132 -19.85 7.15 -31.69
N GLY A 133 -19.89 7.71 -32.90
CA GLY A 133 -19.24 7.06 -34.02
C GLY A 133 -17.77 7.42 -33.91
N GLU A 134 -17.00 7.12 -34.94
CA GLU A 134 -15.56 7.42 -34.91
C GLU A 134 -15.27 8.83 -35.40
N TYR A 135 -14.33 9.51 -34.74
CA TYR A 135 -13.92 10.84 -35.14
C TYR A 135 -12.54 11.16 -34.58
N THR A 136 -11.93 12.24 -35.07
CA THR A 136 -10.59 12.61 -34.64
C THR A 136 -10.54 13.55 -33.43
N ILE A 137 -9.71 13.19 -32.47
CA ILE A 137 -9.54 14.00 -31.27
C ILE A 137 -8.05 14.33 -31.16
N GLU A 138 -7.72 15.29 -30.31
CA GLU A 138 -6.34 15.68 -30.08
C GLU A 138 -6.02 15.16 -28.69
N ALA A 139 -5.22 14.10 -28.61
CA ALA A 139 -4.89 13.49 -27.34
C ALA A 139 -3.45 13.66 -26.90
N TRP A 140 -3.24 13.71 -25.58
CA TRP A 140 -1.89 13.86 -25.01
C TRP A 140 -1.26 12.47 -24.90
N THR A 141 -0.70 12.00 -26.01
CA THR A 141 -0.12 10.68 -26.06
C THR A 141 1.34 10.62 -26.50
N ARG A 142 1.94 11.76 -26.79
CA ARG A 142 3.32 11.78 -27.25
C ARG A 142 4.39 12.08 -26.21
N PHE A 143 5.30 11.13 -26.03
CA PHE A 143 6.39 11.29 -25.07
C PHE A 143 7.73 11.08 -25.77
N ASP A 144 8.58 12.12 -25.75
CA ASP A 144 9.90 12.04 -26.35
C ASP A 144 11.00 12.26 -25.31
N PHE A 145 10.60 12.74 -24.12
CA PHE A 145 11.55 12.97 -23.03
C PHE A 145 12.72 13.85 -23.49
N PRO A 146 12.44 15.11 -23.83
CA PRO A 146 13.46 16.06 -24.29
C PRO A 146 14.66 16.27 -23.36
N GLY A 147 14.43 16.19 -22.04
CA GLY A 147 15.51 16.40 -21.10
C GLY A 147 16.37 15.17 -20.86
N ARG A 148 15.87 14.00 -21.23
CA ARG A 148 16.61 12.77 -21.03
C ARG A 148 17.22 12.22 -22.32
N GLY A 149 16.58 12.49 -23.45
CA GLY A 149 17.08 11.98 -24.70
C GLY A 149 16.95 10.47 -24.67
N ASN A 150 18.01 9.77 -25.06
CA ASN A 150 17.98 8.31 -25.06
C ASN A 150 18.72 7.68 -23.87
N THR A 151 19.14 8.50 -22.91
CA THR A 151 19.84 7.96 -21.74
C THR A 151 18.95 6.94 -21.04
N HIS A 152 19.53 5.79 -20.69
CA HIS A 152 18.82 4.70 -20.02
C HIS A 152 17.86 3.93 -20.93
N SER A 153 17.20 4.62 -21.85
CA SER A 153 16.23 3.98 -22.76
C SER A 153 15.88 4.87 -23.93
N SER A 154 15.83 4.28 -25.13
CA SER A 154 15.50 5.04 -26.33
C SER A 154 14.04 4.85 -26.74
N PHE A 155 13.26 4.21 -25.90
CA PHE A 155 11.85 3.97 -26.21
C PHE A 155 11.02 5.25 -26.13
N LYS A 156 10.28 5.53 -27.21
CA LYS A 156 9.43 6.70 -27.27
C LYS A 156 7.97 6.25 -27.34
N TRP A 157 7.09 7.01 -26.71
CA TRP A 157 5.67 6.66 -26.69
C TRP A 157 4.82 7.48 -27.67
N ARG A 158 3.85 6.82 -28.28
CA ARG A 158 2.93 7.44 -29.23
C ARG A 158 1.50 6.94 -28.93
N TRP A 159 0.49 7.53 -29.58
CA TRP A 159 -0.89 7.13 -29.33
C TRP A 159 -1.15 5.63 -29.43
N TYR A 160 -0.50 4.96 -30.38
CA TYR A 160 -0.73 3.52 -30.55
C TYR A 160 -0.26 2.64 -29.38
N HIS A 161 0.42 3.23 -28.42
CA HIS A 161 0.87 2.48 -27.24
C HIS A 161 -0.18 2.59 -26.13
N PHE A 162 -1.24 3.36 -26.40
CA PHE A 162 -2.31 3.58 -25.42
C PHE A 162 -3.66 3.10 -25.94
N ASP A 163 -4.60 2.86 -25.02
CA ASP A 163 -5.95 2.40 -25.39
C ASP A 163 -6.93 3.57 -25.44
N GLY A 164 -6.59 4.67 -24.77
CA GLY A 164 -7.48 5.81 -24.77
C GLY A 164 -7.11 6.87 -23.76
N VAL A 165 -7.92 7.92 -23.69
CA VAL A 165 -7.72 9.04 -22.78
C VAL A 165 -9.08 9.58 -22.36
N ASP A 166 -9.08 10.58 -21.50
CA ASP A 166 -10.33 11.18 -21.06
C ASP A 166 -10.37 12.67 -21.37
N TRP A 167 -9.53 13.11 -22.30
CA TRP A 167 -9.46 14.52 -22.65
C TRP A 167 -9.05 14.79 -24.10
N ASP A 168 -9.93 15.48 -24.83
CA ASP A 168 -9.69 15.85 -26.22
C ASP A 168 -9.32 17.32 -26.21
N GLN A 169 -8.03 17.60 -26.39
CA GLN A 169 -7.53 18.97 -26.36
C GLN A 169 -8.19 19.90 -27.38
N SER A 170 -8.79 19.34 -28.43
CA SER A 170 -9.42 20.17 -29.45
C SER A 170 -10.84 20.60 -29.13
N ARG A 171 -11.50 19.90 -28.22
CA ARG A 171 -12.88 20.25 -27.86
C ARG A 171 -13.04 20.49 -26.37
N ARG A 172 -12.14 19.89 -25.59
CA ARG A 172 -12.12 20.06 -24.13
C ARG A 172 -13.47 19.82 -23.48
N LEU A 173 -14.07 18.66 -23.75
CA LEU A 173 -15.36 18.30 -23.18
C LEU A 173 -15.15 17.53 -21.89
N ASN A 174 -16.05 17.72 -20.93
CA ASN A 174 -15.93 17.04 -19.64
C ASN A 174 -16.70 15.71 -19.57
N ASN A 175 -16.31 14.87 -18.62
CA ASN A 175 -16.92 13.58 -18.41
C ASN A 175 -16.96 12.67 -19.63
N ARG A 176 -15.85 12.65 -20.37
CA ARG A 176 -15.77 11.80 -21.55
C ARG A 176 -14.62 10.81 -21.41
N ILE A 177 -14.77 9.65 -22.03
CA ILE A 177 -13.73 8.62 -22.05
C ILE A 177 -13.63 8.19 -23.51
N TYR A 178 -12.45 8.37 -24.09
CA TYR A 178 -12.21 8.07 -25.49
C TYR A 178 -11.45 6.76 -25.70
N LYS A 179 -12.01 5.85 -26.49
CA LYS A 179 -11.35 4.60 -26.80
C LYS A 179 -10.78 4.74 -28.20
N PHE A 180 -9.47 4.61 -28.33
CA PHE A 180 -8.83 4.76 -29.63
C PHE A 180 -9.27 3.67 -30.61
N ARG A 181 -9.33 4.06 -31.89
CA ARG A 181 -9.68 3.14 -32.95
C ARG A 181 -8.37 2.73 -33.60
N GLY A 182 -8.36 1.60 -34.31
CA GLY A 182 -7.13 1.15 -34.96
C GLY A 182 -6.97 -0.35 -34.90
N HIS A 183 -5.97 -0.85 -35.61
CA HIS A 183 -5.69 -2.29 -35.65
C HIS A 183 -5.48 -2.86 -34.24
N GLY A 184 -6.38 -3.76 -33.83
CA GLY A 184 -6.25 -4.40 -32.53
C GLY A 184 -6.46 -3.53 -31.29
N LYS A 185 -7.12 -2.40 -31.44
CA LYS A 185 -7.37 -1.50 -30.31
C LYS A 185 -8.67 -1.85 -29.60
N ALA A 186 -8.58 -2.12 -28.30
CA ALA A 186 -9.74 -2.45 -27.47
C ALA A 186 -9.28 -2.42 -26.02
N TRP A 187 -10.21 -2.20 -25.10
CA TRP A 187 -9.85 -2.18 -23.69
C TRP A 187 -9.22 -3.52 -23.38
N ASP A 188 -8.24 -3.52 -22.48
CA ASP A 188 -7.57 -4.77 -22.12
C ASP A 188 -8.48 -5.68 -21.31
N TRP A 189 -8.13 -6.96 -21.28
CA TRP A 189 -8.88 -7.96 -20.54
C TRP A 189 -7.84 -9.02 -20.16
N GLU A 190 -7.90 -9.55 -18.95
CA GLU A 190 -8.90 -9.21 -17.93
C GLU A 190 -8.56 -8.06 -16.98
N VAL A 191 -9.60 -7.29 -16.65
CA VAL A 191 -9.49 -6.18 -15.71
C VAL A 191 -10.76 -6.20 -14.87
N ASP A 192 -10.82 -5.36 -13.84
CA ASP A 192 -12.00 -5.31 -12.99
C ASP A 192 -13.21 -4.93 -13.83
N THR A 193 -14.38 -5.44 -13.46
CA THR A 193 -15.58 -5.18 -14.22
C THR A 193 -16.50 -4.05 -13.76
N GLU A 194 -16.09 -3.25 -12.78
CA GLU A 194 -16.94 -2.13 -12.38
C GLU A 194 -16.93 -1.21 -13.60
N ASN A 195 -18.09 -0.67 -13.95
CA ASN A 195 -18.21 0.20 -15.12
C ASN A 195 -18.06 -0.64 -16.40
N GLY A 196 -18.42 -1.92 -16.33
CA GLY A 196 -18.31 -2.78 -17.49
C GLY A 196 -16.89 -3.28 -17.68
N ASN A 197 -15.98 -2.35 -17.90
CA ASN A 197 -14.56 -2.66 -18.08
C ASN A 197 -13.81 -1.49 -17.45
N TYR A 198 -13.05 -1.77 -16.40
CA TYR A 198 -12.33 -0.71 -15.69
C TYR A 198 -10.88 -0.48 -16.12
N ASP A 199 -10.57 -0.81 -17.37
CA ASP A 199 -9.23 -0.62 -17.88
C ASP A 199 -8.85 0.86 -17.79
N TYR A 200 -9.75 1.75 -18.23
CA TYR A 200 -9.43 3.17 -18.17
C TYR A 200 -9.63 3.77 -16.78
N LEU A 201 -8.66 4.54 -16.33
CA LEU A 201 -8.73 5.20 -15.03
C LEU A 201 -8.50 6.71 -15.15
N MET A 202 -7.33 7.09 -15.65
CA MET A 202 -6.96 8.49 -15.82
C MET A 202 -5.81 8.64 -16.81
N TYR A 203 -5.53 9.87 -17.21
CA TYR A 203 -4.45 10.17 -18.14
C TYR A 203 -4.49 9.30 -19.40
N ALA A 204 -3.33 9.01 -20.00
CA ALA A 204 -3.29 8.17 -21.19
C ALA A 204 -3.13 6.72 -20.74
N ASP A 205 -4.15 5.92 -21.01
CA ASP A 205 -4.15 4.52 -20.60
C ASP A 205 -3.27 3.63 -21.46
N ILE A 206 -2.27 3.01 -20.83
CA ILE A 206 -1.35 2.15 -21.55
C ILE A 206 -2.04 0.89 -22.08
N ASP A 207 -1.71 0.54 -23.32
CA ASP A 207 -2.29 -0.62 -23.99
C ASP A 207 -1.42 -1.85 -23.76
N MET A 208 -1.85 -2.73 -22.86
CA MET A 208 -1.09 -3.94 -22.55
C MET A 208 -1.19 -4.98 -23.66
N ASP A 209 -1.95 -4.67 -24.70
CA ASP A 209 -2.08 -5.58 -25.84
C ASP A 209 -0.92 -5.37 -26.82
N HIS A 210 -0.25 -4.23 -26.71
CA HIS A 210 0.86 -3.94 -27.62
C HIS A 210 2.16 -4.59 -27.18
N PRO A 211 2.72 -5.47 -28.02
CA PRO A 211 3.97 -6.18 -27.73
C PRO A 211 5.11 -5.24 -27.33
N GLU A 212 5.24 -4.13 -28.05
CA GLU A 212 6.29 -3.15 -27.76
C GLU A 212 6.15 -2.60 -26.34
N VAL A 213 4.90 -2.44 -25.92
CA VAL A 213 4.63 -1.92 -24.58
C VAL A 213 5.00 -2.97 -23.53
N VAL A 214 4.54 -4.19 -23.71
CA VAL A 214 4.84 -5.25 -22.75
C VAL A 214 6.36 -5.41 -22.61
N ASN A 215 7.04 -5.47 -23.74
CA ASN A 215 8.50 -5.61 -23.75
C ASN A 215 9.17 -4.47 -23.00
N GLU A 216 8.74 -3.25 -23.29
CA GLU A 216 9.30 -2.05 -22.66
C GLU A 216 9.09 -1.98 -21.15
N LEU A 217 7.86 -2.23 -20.69
CA LEU A 217 7.60 -2.18 -19.25
C LEU A 217 8.39 -3.26 -18.51
N ARG A 218 8.53 -4.43 -19.13
CA ARG A 218 9.30 -5.51 -18.51
C ARG A 218 10.76 -5.08 -18.41
N ASN A 219 11.29 -4.48 -19.48
CA ASN A 219 12.67 -4.02 -19.47
C ASN A 219 12.84 -2.91 -18.44
N TRP A 220 11.85 -2.04 -18.31
CA TRP A 220 11.94 -0.97 -17.33
C TRP A 220 11.93 -1.52 -15.91
N GLY A 221 11.12 -2.56 -15.69
CA GLY A 221 11.05 -3.16 -14.37
C GLY A 221 12.41 -3.68 -13.94
N VAL A 222 13.12 -4.30 -14.87
CA VAL A 222 14.45 -4.82 -14.59
C VAL A 222 15.42 -3.68 -14.33
N TRP A 223 15.39 -2.67 -15.19
CA TRP A 223 16.27 -1.52 -15.04
C TRP A 223 16.03 -0.86 -13.69
N TYR A 224 14.75 -0.62 -13.38
CA TYR A 224 14.33 0.01 -12.13
C TYR A 224 14.85 -0.78 -10.93
N THR A 225 14.70 -2.10 -10.98
CA THR A 225 15.15 -2.96 -9.90
C THR A 225 16.68 -2.91 -9.73
N ASN A 226 17.41 -3.09 -10.82
CA ASN A 226 18.86 -3.10 -10.78
C ASN A 226 19.48 -1.75 -10.47
N THR A 227 18.86 -0.68 -10.95
CA THR A 227 19.38 0.65 -10.72
C THR A 227 19.33 1.06 -9.26
N LEU A 228 18.21 0.77 -8.59
CA LEU A 228 18.05 1.13 -7.19
C LEU A 228 18.37 0.03 -6.20
N GLY A 229 18.41 -1.22 -6.68
CA GLY A 229 18.68 -2.33 -5.80
C GLY A 229 17.43 -2.67 -4.99
N LEU A 230 16.28 -2.58 -5.64
CA LEU A 230 15.00 -2.85 -4.98
C LEU A 230 14.82 -4.30 -4.55
N ASP A 231 14.14 -4.49 -3.43
CA ASP A 231 13.87 -5.82 -2.90
C ASP A 231 12.44 -6.24 -3.19
N GLY A 232 11.62 -5.28 -3.62
CA GLY A 232 10.25 -5.58 -3.94
C GLY A 232 9.51 -4.40 -4.55
N PHE A 233 8.20 -4.58 -4.75
CA PHE A 233 7.37 -3.54 -5.36
C PHE A 233 6.03 -3.36 -4.67
N ARG A 234 5.46 -2.16 -4.84
CA ARG A 234 4.13 -1.84 -4.36
C ARG A 234 3.54 -1.49 -5.72
N ILE A 235 2.64 -2.33 -6.21
CA ILE A 235 2.06 -2.14 -7.53
C ILE A 235 0.74 -1.38 -7.56
N ASP A 236 0.79 -0.22 -8.20
CA ASP A 236 -0.31 0.72 -8.33
C ASP A 236 -1.42 0.35 -9.32
N ALA A 237 -2.66 0.59 -8.88
CA ALA A 237 -3.86 0.41 -9.71
C ALA A 237 -3.98 -0.89 -10.51
N VAL A 238 -3.76 -2.03 -9.88
CA VAL A 238 -3.81 -3.30 -10.58
C VAL A 238 -5.17 -3.74 -11.12
N LYS A 239 -6.26 -3.21 -10.59
CA LYS A 239 -7.55 -3.64 -11.12
C LYS A 239 -7.83 -2.98 -12.47
N HIS A 240 -6.95 -2.07 -12.87
CA HIS A 240 -7.10 -1.34 -14.13
C HIS A 240 -6.05 -1.83 -15.14
N ILE A 241 -5.29 -2.84 -14.76
CA ILE A 241 -4.24 -3.39 -15.60
C ILE A 241 -4.50 -4.86 -15.94
N LYS A 242 -4.33 -5.22 -17.21
CA LYS A 242 -4.55 -6.60 -17.66
C LYS A 242 -3.92 -7.53 -16.61
N TYR A 243 -4.75 -8.35 -15.97
CA TYR A 243 -4.28 -9.23 -14.90
C TYR A 243 -3.08 -10.09 -15.27
N SER A 244 -3.15 -10.76 -16.42
CA SER A 244 -2.05 -11.64 -16.84
C SER A 244 -0.76 -10.87 -17.06
N PHE A 245 -0.88 -9.60 -17.45
CA PHE A 245 0.30 -8.77 -17.67
C PHE A 245 1.08 -8.58 -16.37
N THR A 246 0.37 -8.18 -15.32
CA THR A 246 1.00 -7.96 -14.02
C THR A 246 1.64 -9.26 -13.53
N ARG A 247 0.91 -10.36 -13.65
CA ARG A 247 1.42 -11.67 -13.23
C ARG A 247 2.72 -11.99 -13.96
N ASP A 248 2.73 -11.82 -15.27
CA ASP A 248 3.91 -12.13 -16.07
C ASP A 248 5.02 -11.10 -15.95
N TRP A 249 4.65 -9.86 -15.61
CA TRP A 249 5.64 -8.81 -15.43
C TRP A 249 6.45 -9.14 -14.18
N ILE A 250 5.75 -9.53 -13.11
CA ILE A 250 6.41 -9.90 -11.86
C ILE A 250 7.32 -11.10 -12.10
N ASN A 251 6.80 -12.12 -12.79
CA ASN A 251 7.60 -13.31 -13.04
C ASN A 251 8.83 -12.95 -13.86
N HIS A 252 8.66 -12.10 -14.86
CA HIS A 252 9.77 -11.69 -15.71
C HIS A 252 10.88 -11.00 -14.91
N VAL A 253 10.49 -10.04 -14.08
CA VAL A 253 11.46 -9.29 -13.28
C VAL A 253 12.20 -10.19 -12.30
N ARG A 254 11.46 -11.07 -11.63
CA ARG A 254 12.08 -11.99 -10.69
C ARG A 254 13.09 -12.88 -11.41
N SER A 255 12.70 -13.38 -12.57
CA SER A 255 13.58 -14.26 -13.34
C SER A 255 14.82 -13.53 -13.87
N ALA A 256 14.62 -12.36 -14.46
CA ALA A 256 15.72 -11.58 -15.02
C ALA A 256 16.73 -11.09 -13.98
N THR A 257 16.29 -10.90 -12.75
CA THR A 257 17.17 -10.42 -11.70
C THR A 257 17.69 -11.52 -10.77
N GLY A 258 17.10 -12.71 -10.87
CA GLY A 258 17.51 -13.81 -10.01
C GLY A 258 17.17 -13.50 -8.57
N LYS A 259 16.21 -12.60 -8.37
CA LYS A 259 15.79 -12.21 -7.04
C LYS A 259 14.31 -12.48 -6.81
N ASN A 260 13.98 -13.03 -5.64
CA ASN A 260 12.60 -13.34 -5.30
C ASN A 260 11.91 -12.06 -4.80
N MET A 261 11.81 -11.08 -5.68
CA MET A 261 11.20 -9.78 -5.38
C MET A 261 9.82 -9.88 -4.72
N PHE A 262 9.67 -9.21 -3.57
CA PHE A 262 8.38 -9.20 -2.90
C PHE A 262 7.49 -8.22 -3.65
N ALA A 263 6.19 -8.50 -3.71
CA ALA A 263 5.29 -7.58 -4.38
C ALA A 263 3.92 -7.53 -3.74
N VAL A 264 3.45 -6.30 -3.51
CA VAL A 264 2.13 -6.09 -2.95
C VAL A 264 1.37 -5.21 -3.94
N ALA A 265 0.23 -5.71 -4.39
CA ALA A 265 -0.58 -5.00 -5.36
C ALA A 265 -1.72 -4.22 -4.72
N GLU A 266 -2.02 -3.08 -5.29
CA GLU A 266 -3.11 -2.25 -4.80
C GLU A 266 -4.33 -2.50 -5.65
N PHE A 267 -5.20 -3.40 -5.17
CA PHE A 267 -6.44 -3.71 -5.86
C PHE A 267 -7.46 -3.02 -4.98
N TRP A 268 -7.81 -1.78 -5.33
CA TRP A 268 -8.74 -1.05 -4.49
C TRP A 268 -10.21 -1.28 -4.70
N LYS A 269 -10.76 -2.22 -3.92
CA LYS A 269 -12.17 -2.54 -3.97
C LYS A 269 -12.50 -3.24 -2.65
N ASN A 270 -13.55 -2.77 -1.99
CA ASN A 270 -13.96 -3.38 -0.73
C ASN A 270 -14.83 -4.57 -1.11
N ASP A 271 -14.19 -5.59 -1.68
CA ASP A 271 -14.89 -6.79 -2.15
C ASP A 271 -13.91 -7.95 -2.22
N LEU A 272 -13.96 -8.85 -1.22
CA LEU A 272 -13.05 -9.99 -1.18
C LEU A 272 -13.13 -10.84 -2.45
N GLY A 273 -14.35 -11.06 -2.94
CA GLY A 273 -14.52 -11.87 -4.14
C GLY A 273 -13.72 -11.37 -5.32
N ALA A 274 -13.75 -10.06 -5.55
CA ALA A 274 -13.02 -9.46 -6.65
C ALA A 274 -11.52 -9.63 -6.45
N ILE A 275 -11.08 -9.47 -5.21
CA ILE A 275 -9.66 -9.61 -4.89
C ILE A 275 -9.23 -11.07 -5.05
N GLU A 276 -10.08 -12.00 -4.63
CA GLU A 276 -9.78 -13.43 -4.77
C GLU A 276 -9.60 -13.77 -6.24
N ASN A 277 -10.49 -13.23 -7.08
CA ASN A 277 -10.42 -13.48 -8.52
C ASN A 277 -9.06 -13.00 -9.02
N TYR A 278 -8.66 -11.81 -8.58
CA TYR A 278 -7.38 -11.25 -8.99
C TYR A 278 -6.22 -12.15 -8.56
N LEU A 279 -6.28 -12.68 -7.35
CA LEU A 279 -5.24 -13.55 -6.83
C LEU A 279 -5.13 -14.84 -7.64
N GLN A 280 -6.27 -15.44 -7.95
CA GLN A 280 -6.30 -16.68 -8.74
C GLN A 280 -5.80 -16.42 -10.16
N LYS A 281 -6.22 -15.32 -10.75
CA LYS A 281 -5.81 -14.97 -12.11
C LYS A 281 -4.33 -14.63 -12.22
N THR A 282 -3.72 -14.19 -11.12
CA THR A 282 -2.29 -13.86 -11.13
C THR A 282 -1.49 -15.04 -10.57
N ASN A 283 -2.15 -16.19 -10.43
CA ASN A 283 -1.51 -17.40 -9.94
C ASN A 283 -0.91 -17.31 -8.54
N TRP A 284 -1.52 -16.47 -7.69
CA TRP A 284 -1.06 -16.30 -6.32
C TRP A 284 0.43 -16.00 -6.22
N ASN A 285 0.98 -15.33 -7.23
CA ASN A 285 2.42 -15.06 -7.20
C ASN A 285 2.81 -13.80 -6.42
N HIS A 286 1.83 -13.07 -5.89
CA HIS A 286 2.14 -11.88 -5.09
C HIS A 286 1.01 -11.54 -4.12
N SER A 287 1.29 -10.62 -3.20
CA SER A 287 0.31 -10.23 -2.20
C SER A 287 -0.54 -9.02 -2.61
N VAL A 288 -1.54 -8.70 -1.79
CA VAL A 288 -2.42 -7.58 -2.04
C VAL A 288 -2.75 -6.88 -0.73
N PHE A 289 -3.03 -5.58 -0.79
CA PHE A 289 -3.39 -4.84 0.41
C PHE A 289 -4.77 -5.32 0.83
N ASP A 290 -4.97 -5.49 2.14
CA ASP A 290 -6.26 -5.94 2.65
C ASP A 290 -7.21 -4.74 2.72
N VAL A 291 -7.76 -4.36 1.57
CA VAL A 291 -8.67 -3.22 1.50
C VAL A 291 -9.93 -3.41 2.35
N PRO A 292 -10.53 -4.63 2.32
CA PRO A 292 -11.73 -4.83 3.13
C PRO A 292 -11.44 -4.58 4.62
N LEU A 293 -10.27 -5.02 5.09
CA LEU A 293 -9.93 -4.82 6.50
C LEU A 293 -9.86 -3.33 6.79
N HIS A 294 -9.27 -2.56 5.88
CA HIS A 294 -9.17 -1.12 6.08
C HIS A 294 -10.56 -0.52 6.28
N TYR A 295 -11.53 -0.95 5.49
CA TYR A 295 -12.88 -0.41 5.63
C TYR A 295 -13.55 -0.88 6.92
N ASN A 296 -13.25 -2.10 7.36
CA ASN A 296 -13.83 -2.60 8.59
C ASN A 296 -13.31 -1.73 9.73
N LEU A 297 -12.00 -1.50 9.75
CA LEU A 297 -11.37 -0.67 10.77
C LEU A 297 -11.98 0.73 10.72
N TYR A 298 -12.10 1.28 9.52
CA TYR A 298 -12.67 2.61 9.33
C TYR A 298 -14.10 2.68 9.87
N ASN A 299 -14.95 1.77 9.39
CA ASN A 299 -16.34 1.75 9.84
C ASN A 299 -16.45 1.56 11.34
N ALA A 300 -15.57 0.72 11.90
CA ALA A 300 -15.60 0.51 13.35
C ALA A 300 -15.28 1.81 14.09
N SER A 301 -14.32 2.57 13.58
CA SER A 301 -13.93 3.83 14.21
C SER A 301 -14.98 4.92 14.08
N LYS A 302 -15.95 4.71 13.18
CA LYS A 302 -17.02 5.68 12.97
C LYS A 302 -18.34 5.25 13.58
N SER A 303 -18.36 4.08 14.21
CA SER A 303 -19.59 3.54 14.78
C SER A 303 -19.84 3.85 16.26
N GLY A 304 -18.95 4.66 16.85
CA GLY A 304 -19.10 5.05 18.24
C GLY A 304 -19.30 3.96 19.27
N GLY A 305 -18.72 2.78 19.02
CA GLY A 305 -18.86 1.69 19.97
C GLY A 305 -19.87 0.64 19.56
N ASN A 306 -20.73 0.96 18.60
CA ASN A 306 -21.76 0.03 18.15
C ASN A 306 -21.33 -0.96 17.08
N TYR A 307 -20.07 -0.93 16.69
CA TYR A 307 -19.59 -1.87 15.69
C TYR A 307 -19.48 -3.20 16.44
N ASP A 308 -19.79 -4.31 15.79
CA ASP A 308 -19.70 -5.59 16.46
C ASP A 308 -18.26 -6.06 16.26
N MET A 309 -17.41 -5.81 17.26
CA MET A 309 -16.01 -6.18 17.18
C MET A 309 -15.76 -7.64 16.86
N ARG A 310 -16.77 -8.48 17.09
CA ARG A 310 -16.63 -9.90 16.78
C ARG A 310 -16.46 -10.12 15.27
N ASN A 311 -16.94 -9.17 14.48
CA ASN A 311 -16.87 -9.29 13.02
C ASN A 311 -15.75 -8.48 12.37
N ILE A 312 -14.86 -7.90 13.18
CA ILE A 312 -13.79 -7.07 12.66
C ILE A 312 -12.99 -7.66 11.49
N PHE A 313 -12.88 -8.98 11.43
CA PHE A 313 -12.12 -9.61 10.35
C PHE A 313 -12.99 -10.26 9.26
N ASN A 314 -14.31 -10.14 9.38
CA ASN A 314 -15.18 -10.74 8.38
C ASN A 314 -15.04 -10.08 7.01
N GLY A 315 -14.95 -10.91 5.98
CA GLY A 315 -14.81 -10.43 4.62
C GLY A 315 -13.45 -9.86 4.26
N THR A 316 -12.45 -10.07 5.12
CA THR A 316 -11.10 -9.56 4.88
C THR A 316 -10.17 -10.55 4.21
N VAL A 317 -9.12 -10.03 3.57
CA VAL A 317 -8.14 -10.88 2.90
C VAL A 317 -7.30 -11.62 3.95
N VAL A 318 -6.95 -10.95 5.03
CA VAL A 318 -6.13 -11.58 6.06
C VAL A 318 -6.83 -12.75 6.73
N GLN A 319 -8.17 -12.71 6.80
CA GLN A 319 -8.92 -13.82 7.38
C GLN A 319 -8.98 -15.01 6.41
N ARG A 320 -9.32 -14.71 5.17
CA ARG A 320 -9.47 -15.73 4.13
C ARG A 320 -8.16 -16.26 3.55
N HIS A 321 -7.27 -15.37 3.14
CA HIS A 321 -5.99 -15.76 2.56
C HIS A 321 -4.85 -15.01 3.26
N PRO A 322 -4.57 -15.37 4.52
CA PRO A 322 -3.52 -14.75 5.33
C PRO A 322 -2.13 -14.63 4.72
N SER A 323 -1.72 -15.64 3.96
CA SER A 323 -0.40 -15.64 3.35
C SER A 323 -0.21 -14.56 2.28
N HIS A 324 -1.30 -14.07 1.69
CA HIS A 324 -1.22 -13.06 0.64
C HIS A 324 -1.77 -11.70 1.03
N ALA A 325 -1.93 -11.46 2.32
CA ALA A 325 -2.49 -10.20 2.78
C ALA A 325 -1.48 -9.25 3.41
N VAL A 326 -1.50 -8.00 2.96
CA VAL A 326 -0.65 -6.95 3.53
C VAL A 326 -1.68 -6.09 4.23
N THR A 327 -1.63 -6.09 5.56
CA THR A 327 -2.61 -5.35 6.35
C THR A 327 -2.14 -3.94 6.69
N PHE A 328 -3.01 -2.97 6.42
CA PHE A 328 -2.71 -1.56 6.67
C PHE A 328 -3.92 -0.88 7.32
N VAL A 329 -3.66 0.21 8.03
CA VAL A 329 -4.71 0.96 8.68
C VAL A 329 -5.18 2.10 7.78
N ASP A 330 -4.23 2.84 7.24
CA ASP A 330 -4.55 3.95 6.36
C ASP A 330 -3.42 4.16 5.35
N ASN A 331 -3.68 4.95 4.32
CA ASN A 331 -2.66 5.25 3.33
C ASN A 331 -2.86 6.65 2.75
N HIS A 332 -2.10 6.98 1.71
CA HIS A 332 -2.19 8.31 1.09
C HIS A 332 -3.51 8.64 0.40
N ASP A 333 -4.29 7.61 0.08
CA ASP A 333 -5.58 7.85 -0.56
C ASP A 333 -6.71 7.91 0.47
N SER A 334 -6.53 7.21 1.60
CA SER A 334 -7.56 7.21 2.63
C SER A 334 -7.40 8.37 3.60
N GLN A 335 -6.27 9.08 3.55
CA GLN A 335 -6.06 10.19 4.48
C GLN A 335 -7.03 11.35 4.16
N PRO A 336 -7.20 12.28 5.12
CA PRO A 336 -8.12 13.41 4.92
C PRO A 336 -8.00 14.17 3.61
N GLU A 337 -9.14 14.43 2.98
CA GLU A 337 -9.21 15.21 1.76
C GLU A 337 -8.85 14.45 0.48
N GLU A 338 -8.29 13.25 0.61
CA GLU A 338 -7.91 12.51 -0.59
C GLU A 338 -9.01 11.68 -1.23
N ALA A 339 -8.71 11.21 -2.45
CA ALA A 339 -9.64 10.45 -3.28
C ALA A 339 -10.44 9.32 -2.63
N LEU A 340 -9.82 8.61 -1.69
CA LEU A 340 -10.51 7.51 -1.03
C LEU A 340 -10.70 7.76 0.46
N GLU A 341 -10.79 9.04 0.83
CA GLU A 341 -10.96 9.40 2.23
C GLU A 341 -11.83 8.43 3.00
N SER A 342 -11.24 7.84 4.02
CA SER A 342 -11.89 6.87 4.91
C SER A 342 -10.85 6.63 6.00
N PHE A 343 -10.45 7.72 6.62
CA PHE A 343 -9.42 7.74 7.66
C PHE A 343 -9.91 7.19 9.00
N VAL A 344 -9.23 6.16 9.49
CA VAL A 344 -9.57 5.55 10.77
C VAL A 344 -9.37 6.58 11.87
N GLU A 345 -10.42 6.85 12.65
CA GLU A 345 -10.35 7.84 13.73
C GLU A 345 -9.24 7.59 14.74
N GLU A 346 -8.65 8.69 15.19
CA GLU A 346 -7.55 8.65 16.16
C GLU A 346 -7.76 7.77 17.39
N TRP A 347 -8.95 7.82 17.99
CA TRP A 347 -9.21 7.01 19.19
C TRP A 347 -9.12 5.52 18.87
N PHE A 348 -9.53 5.13 17.67
CA PHE A 348 -9.52 3.73 17.27
C PHE A 348 -8.19 3.28 16.66
N LYS A 349 -7.41 4.23 16.16
CA LYS A 349 -6.15 3.92 15.51
C LYS A 349 -5.22 2.97 16.27
N PRO A 350 -5.05 3.16 17.60
CA PRO A 350 -4.16 2.24 18.32
C PRO A 350 -4.71 0.80 18.29
N LEU A 351 -6.04 0.67 18.35
CA LEU A 351 -6.67 -0.65 18.30
C LEU A 351 -6.43 -1.25 16.93
N ALA A 352 -6.55 -0.43 15.89
CA ALA A 352 -6.33 -0.87 14.52
C ALA A 352 -4.90 -1.39 14.35
N TYR A 353 -3.93 -0.67 14.88
CA TYR A 353 -2.55 -1.11 14.76
C TYR A 353 -2.27 -2.36 15.59
N ALA A 354 -3.00 -2.53 16.67
CA ALA A 354 -2.82 -3.72 17.50
C ALA A 354 -3.40 -4.91 16.72
N LEU A 355 -4.52 -4.68 16.04
CA LEU A 355 -5.18 -5.70 15.25
C LEU A 355 -4.34 -6.21 14.09
N THR A 356 -3.48 -5.35 13.55
CA THR A 356 -2.63 -5.75 12.44
C THR A 356 -1.23 -6.19 12.86
N LEU A 357 -0.69 -5.53 13.88
CA LEU A 357 0.67 -5.83 14.34
C LEU A 357 0.87 -6.99 15.32
N THR A 358 -0.12 -7.30 16.15
CA THR A 358 0.05 -8.36 17.14
C THR A 358 -0.58 -9.72 16.82
N ARG A 359 -1.20 -9.86 15.66
CA ARG A 359 -1.79 -11.15 15.29
C ARG A 359 -0.81 -11.87 14.36
N GLU A 360 -0.84 -13.20 14.37
CA GLU A 360 0.13 -13.95 13.56
C GLU A 360 0.00 -13.91 12.06
N GLN A 361 -1.20 -13.65 11.55
CA GLN A 361 -1.39 -13.61 10.11
C GLN A 361 -1.29 -12.21 9.49
N GLY A 362 -0.87 -12.18 8.23
CA GLY A 362 -0.74 -10.92 7.51
C GLY A 362 0.61 -10.25 7.65
N TYR A 363 0.94 -9.42 6.66
CA TYR A 363 2.18 -8.66 6.63
C TYR A 363 1.73 -7.23 6.86
N PRO A 364 1.86 -6.74 8.11
CA PRO A 364 1.46 -5.39 8.54
C PRO A 364 2.32 -4.25 8.03
N SER A 365 1.69 -3.09 7.86
CA SER A 365 2.36 -1.90 7.36
C SER A 365 2.03 -0.69 8.24
N VAL A 366 2.99 0.19 8.42
CA VAL A 366 2.80 1.39 9.23
C VAL A 366 2.75 2.58 8.27
N PHE A 367 1.73 3.41 8.39
CA PHE A 367 1.58 4.58 7.52
C PHE A 367 2.32 5.80 8.05
N TYR A 368 3.17 6.39 7.21
CA TYR A 368 3.93 7.56 7.58
C TYR A 368 3.03 8.65 8.17
N GLY A 369 1.91 8.90 7.52
CA GLY A 369 0.97 9.90 8.00
C GLY A 369 0.51 9.66 9.43
N ASP A 370 0.31 8.39 9.79
CA ASP A 370 -0.13 8.08 11.15
C ASP A 370 1.03 8.18 12.14
N TYR A 371 2.20 7.72 11.71
CA TYR A 371 3.39 7.71 12.56
C TYR A 371 3.93 9.09 12.89
N TYR A 372 4.17 9.90 11.86
CA TYR A 372 4.71 11.24 12.06
C TYR A 372 3.66 12.34 12.02
N GLY A 373 2.44 11.98 11.63
CA GLY A 373 1.37 12.95 11.57
C GLY A 373 1.20 13.60 10.20
N ILE A 374 0.13 14.40 10.07
CA ILE A 374 -0.20 15.11 8.84
C ILE A 374 -0.55 16.52 9.30
N PRO A 375 0.47 17.36 9.51
CA PRO A 375 0.28 18.75 9.96
C PRO A 375 -0.67 19.62 9.14
N THR A 376 -0.72 19.41 7.83
CA THR A 376 -1.59 20.18 6.96
C THR A 376 -3.07 19.95 7.27
N HIS A 377 -3.38 18.79 7.86
CA HIS A 377 -4.77 18.47 8.17
C HIS A 377 -5.02 18.20 9.65
N GLY A 378 -4.13 18.71 10.50
CA GLY A 378 -4.29 18.54 11.93
C GLY A 378 -4.15 17.16 12.52
N VAL A 379 -3.51 16.25 11.79
CA VAL A 379 -3.33 14.89 12.30
C VAL A 379 -2.02 14.81 13.06
N PRO A 380 -2.09 14.59 14.39
CA PRO A 380 -0.90 14.51 15.23
C PRO A 380 -0.08 13.25 14.99
N ALA A 381 1.21 13.31 15.30
CA ALA A 381 2.07 12.15 15.16
C ALA A 381 1.56 11.14 16.19
N MET A 382 1.46 9.88 15.82
CA MET A 382 0.98 8.87 16.74
C MET A 382 2.03 7.81 17.05
N ARG A 383 3.26 8.07 16.65
CA ARG A 383 4.34 7.12 16.91
C ARG A 383 4.46 6.77 18.39
N SER A 384 4.08 7.68 19.27
CA SER A 384 4.17 7.41 20.71
C SER A 384 3.23 6.27 21.10
N LYS A 385 2.12 6.14 20.37
CA LYS A 385 1.15 5.09 20.65
C LYS A 385 1.40 3.85 19.79
N ILE A 386 2.07 4.05 18.67
CA ILE A 386 2.38 2.95 17.75
C ILE A 386 3.65 2.20 18.16
N ASP A 387 4.66 2.92 18.63
CA ASP A 387 5.92 2.31 19.04
C ASP A 387 5.78 1.14 20.02
N PRO A 388 4.94 1.30 21.06
CA PRO A 388 4.77 0.20 22.03
C PRO A 388 4.19 -1.04 21.36
N ILE A 389 3.38 -0.83 20.32
CA ILE A 389 2.76 -1.94 19.60
C ILE A 389 3.81 -2.57 18.70
N LEU A 390 4.66 -1.74 18.11
CA LEU A 390 5.73 -2.26 17.25
C LEU A 390 6.68 -3.09 18.11
N GLU A 391 6.91 -2.66 19.34
CA GLU A 391 7.81 -3.39 20.23
C GLU A 391 7.17 -4.72 20.63
N ALA A 392 5.85 -4.72 20.74
CA ALA A 392 5.11 -5.93 21.09
C ALA A 392 5.28 -6.94 19.95
N ARG A 393 5.19 -6.45 18.72
CA ARG A 393 5.34 -7.32 17.56
C ARG A 393 6.75 -7.87 17.45
N GLN A 394 7.73 -7.00 17.66
CA GLN A 394 9.14 -7.38 17.56
C GLN A 394 9.62 -8.37 18.61
N LYS A 395 9.17 -8.21 19.84
CA LYS A 395 9.63 -9.07 20.93
C LYS A 395 8.66 -10.11 21.49
N TYR A 396 7.37 -9.84 21.40
CA TYR A 396 6.39 -10.75 22.01
C TYR A 396 5.37 -11.50 21.16
N ALA A 397 5.02 -10.95 19.99
CA ALA A 397 4.01 -11.57 19.13
C ALA A 397 4.52 -12.81 18.38
N TYR A 398 4.68 -13.91 19.11
CA TYR A 398 5.17 -15.15 18.53
C TYR A 398 4.45 -16.37 19.12
N GLY A 399 4.49 -17.48 18.40
CA GLY A 399 3.84 -18.69 18.89
C GLY A 399 2.37 -18.83 18.55
N LYS A 400 1.77 -19.91 19.06
CA LYS A 400 0.36 -20.20 18.81
C LYS A 400 -0.58 -19.09 19.23
N GLN A 401 -1.58 -18.85 18.40
CA GLN A 401 -2.56 -17.79 18.67
C GLN A 401 -3.92 -18.35 19.09
N ASN A 402 -4.44 -17.80 20.18
CA ASN A 402 -5.74 -18.20 20.70
C ASN A 402 -6.66 -16.98 20.59
N ASP A 403 -7.74 -17.12 19.85
CA ASP A 403 -8.67 -16.02 19.64
C ASP A 403 -9.81 -15.90 20.64
N TYR A 404 -10.18 -14.67 20.95
CA TYR A 404 -11.29 -14.39 21.84
C TYR A 404 -12.10 -13.22 21.30
N LEU A 405 -12.52 -13.35 20.03
CA LEU A 405 -13.34 -12.34 19.39
C LEU A 405 -14.75 -12.79 19.70
N ASP A 406 -15.08 -12.78 20.99
CA ASP A 406 -16.36 -13.26 21.49
C ASP A 406 -17.30 -12.27 22.16
N HIS A 407 -17.07 -10.97 21.95
CA HIS A 407 -17.94 -9.96 22.55
C HIS A 407 -18.04 -8.77 21.59
N HIS A 408 -19.21 -8.14 21.54
CA HIS A 408 -19.44 -7.02 20.65
C HIS A 408 -18.57 -5.78 20.92
N ASN A 409 -18.00 -5.69 22.11
CA ASN A 409 -17.12 -4.56 22.44
C ASN A 409 -15.70 -5.03 22.74
N ILE A 410 -15.58 -5.91 23.73
CA ILE A 410 -14.29 -6.41 24.16
C ILE A 410 -13.84 -7.69 23.49
N ILE A 411 -12.80 -7.59 22.66
CA ILE A 411 -12.25 -8.77 21.99
C ILE A 411 -10.78 -8.87 22.37
N GLY A 412 -10.20 -10.05 22.18
CA GLY A 412 -8.80 -10.23 22.51
C GLY A 412 -8.26 -11.50 21.92
N TRP A 413 -6.94 -11.66 22.05
CA TRP A 413 -6.26 -12.85 21.54
C TRP A 413 -4.90 -12.95 22.22
N THR A 414 -4.38 -14.17 22.34
CA THR A 414 -3.10 -14.35 22.98
C THR A 414 -2.13 -15.07 22.05
N ARG A 415 -0.85 -14.95 22.37
CA ARG A 415 0.21 -15.60 21.63
C ARG A 415 0.99 -16.33 22.72
N GLU A 416 1.19 -17.64 22.55
CA GLU A 416 1.88 -18.42 23.55
C GLU A 416 3.41 -18.31 23.52
N GLY A 417 3.93 -17.63 22.51
CA GLY A 417 5.38 -17.46 22.38
C GLY A 417 6.09 -18.71 21.88
N ASN A 418 7.37 -18.56 21.56
CA ASN A 418 8.19 -19.67 21.10
C ASN A 418 9.58 -19.53 21.76
N THR A 419 10.37 -20.59 21.70
CA THR A 419 11.70 -20.52 22.32
C THR A 419 12.67 -19.66 21.54
N ALA A 420 12.34 -19.37 20.29
CA ALA A 420 13.17 -18.54 19.44
C ALA A 420 13.24 -17.09 19.93
N HIS A 421 12.25 -16.71 20.75
CA HIS A 421 12.20 -15.36 21.30
C HIS A 421 11.93 -15.34 22.80
N PRO A 422 12.91 -14.86 23.59
CA PRO A 422 12.89 -14.74 25.05
C PRO A 422 11.67 -14.04 25.65
N ASN A 423 11.05 -14.69 26.62
CA ASN A 423 9.88 -14.15 27.31
C ASN A 423 8.77 -13.78 26.33
N SER A 424 8.81 -14.33 25.12
CA SER A 424 7.79 -14.01 24.12
C SER A 424 6.41 -14.51 24.53
N GLY A 425 5.39 -13.89 23.97
CA GLY A 425 4.02 -14.26 24.29
C GLY A 425 3.31 -12.97 24.67
N LEU A 426 2.00 -12.91 24.44
CA LEU A 426 1.27 -11.69 24.78
C LEU A 426 -0.24 -11.92 24.89
N ALA A 427 -0.94 -10.91 25.39
CA ALA A 427 -2.37 -10.96 25.52
C ALA A 427 -2.91 -9.58 25.15
N THR A 428 -3.43 -9.48 23.94
CA THR A 428 -4.00 -8.22 23.47
C THR A 428 -5.48 -8.23 23.83
N ILE A 429 -5.96 -7.14 24.39
CA ILE A 429 -7.35 -6.99 24.75
C ILE A 429 -7.75 -5.55 24.41
N MET A 430 -8.88 -5.40 23.74
CA MET A 430 -9.33 -4.08 23.34
C MET A 430 -10.83 -3.95 23.43
N SER A 431 -11.32 -2.72 23.46
CA SER A 431 -12.75 -2.48 23.51
C SER A 431 -13.08 -1.21 22.74
N ASP A 432 -14.05 -1.28 21.84
CA ASP A 432 -14.45 -0.11 21.07
C ASP A 432 -15.53 0.60 21.87
N GLY A 433 -15.76 0.11 23.09
CA GLY A 433 -16.76 0.69 23.97
C GLY A 433 -16.29 0.71 25.40
N ALA A 434 -17.19 0.43 26.34
CA ALA A 434 -16.83 0.41 27.76
C ALA A 434 -15.72 -0.59 28.05
N GLY A 435 -14.89 -0.27 29.04
CA GLY A 435 -13.79 -1.14 29.41
C GLY A 435 -14.26 -2.37 30.17
N GLY A 436 -13.32 -3.27 30.45
CA GLY A 436 -13.66 -4.49 31.17
C GLY A 436 -12.50 -5.46 31.23
N SER A 437 -12.81 -6.74 31.42
CA SER A 437 -11.77 -7.75 31.51
C SER A 437 -12.19 -9.01 30.75
N LYS A 438 -11.22 -9.90 30.57
CA LYS A 438 -11.49 -11.15 29.87
C LYS A 438 -10.44 -12.17 30.26
N TRP A 439 -10.88 -13.37 30.62
CA TRP A 439 -9.97 -14.44 30.98
C TRP A 439 -9.47 -15.02 29.66
N MET A 440 -8.15 -15.18 29.52
CA MET A 440 -7.59 -15.74 28.30
C MET A 440 -6.41 -16.64 28.61
N PHE A 441 -6.29 -17.71 27.82
CA PHE A 441 -5.22 -18.69 27.97
C PHE A 441 -3.93 -18.25 27.29
N VAL A 442 -2.85 -18.20 28.06
CA VAL A 442 -1.55 -17.80 27.51
C VAL A 442 -0.55 -18.95 27.54
N GLY A 443 -0.95 -20.09 28.12
CA GLY A 443 -0.06 -21.23 28.19
C GLY A 443 0.29 -21.62 29.62
N ARG A 444 0.17 -22.91 29.94
CA ARG A 444 0.46 -23.38 31.29
C ARG A 444 1.91 -23.11 31.72
N ASN A 445 2.82 -23.05 30.77
CA ASN A 445 4.22 -22.80 31.09
C ASN A 445 4.47 -21.36 31.55
N LYS A 446 3.43 -20.53 31.48
CA LYS A 446 3.56 -19.13 31.89
C LYS A 446 3.02 -18.93 33.30
N ALA A 447 2.54 -20.00 33.92
CA ALA A 447 1.98 -19.92 35.26
C ALA A 447 2.88 -19.18 36.24
N GLY A 448 2.30 -18.25 36.99
CA GLY A 448 3.07 -17.50 37.95
C GLY A 448 3.73 -16.23 37.45
N GLN A 449 3.85 -16.10 36.12
CA GLN A 449 4.48 -14.90 35.58
C GLN A 449 3.60 -13.68 35.89
N VAL A 450 4.24 -12.54 36.08
CA VAL A 450 3.53 -11.29 36.38
C VAL A 450 3.67 -10.39 35.16
N TRP A 451 2.59 -10.30 34.39
CA TRP A 451 2.55 -9.51 33.16
C TRP A 451 2.14 -8.05 33.38
N SER A 452 2.59 -7.19 32.47
CA SER A 452 2.27 -5.76 32.53
C SER A 452 1.91 -5.24 31.13
N ASP A 453 1.19 -4.13 31.07
CA ASP A 453 0.73 -3.54 29.81
C ASP A 453 1.80 -2.70 29.12
N ILE A 454 2.36 -3.23 28.03
CA ILE A 454 3.40 -2.55 27.28
C ILE A 454 2.96 -1.20 26.69
N THR A 455 1.65 -0.98 26.56
CA THR A 455 1.16 0.29 26.02
C THR A 455 1.12 1.33 27.14
N GLY A 456 1.09 0.85 28.37
CA GLY A 456 1.03 1.75 29.52
C GLY A 456 -0.36 2.25 29.84
N ASN A 457 -1.34 1.91 29.01
CA ASN A 457 -2.72 2.35 29.24
C ASN A 457 -3.27 1.85 30.58
N ARG A 458 -2.90 0.63 30.95
CA ARG A 458 -3.29 0.05 32.24
C ARG A 458 -1.99 -0.01 33.03
N THR A 459 -2.02 0.43 34.28
CA THR A 459 -0.80 0.46 35.11
C THR A 459 -0.55 -0.71 36.05
N GLY A 460 -1.53 -1.59 36.24
CA GLY A 460 -1.33 -2.72 37.14
C GLY A 460 -0.63 -3.89 36.48
N THR A 461 -0.76 -5.06 37.09
CA THR A 461 -0.16 -6.28 36.55
C THR A 461 -1.21 -7.38 36.54
N VAL A 462 -0.91 -8.45 35.81
CA VAL A 462 -1.81 -9.58 35.73
C VAL A 462 -0.96 -10.82 35.96
N THR A 463 -1.29 -11.59 36.99
CA THR A 463 -0.55 -12.80 37.31
C THR A 463 -1.22 -14.01 36.68
N ILE A 464 -0.49 -14.72 35.83
CA ILE A 464 -1.00 -15.91 35.17
C ILE A 464 -1.19 -16.99 36.24
N ASN A 465 -2.39 -17.57 36.32
CA ASN A 465 -2.64 -18.60 37.32
C ASN A 465 -1.98 -19.93 36.97
N ALA A 466 -2.05 -20.87 37.91
CA ALA A 466 -1.44 -22.19 37.73
C ALA A 466 -1.83 -22.93 36.46
N ASP A 467 -3.00 -22.62 35.92
CA ASP A 467 -3.46 -23.29 34.72
C ASP A 467 -3.19 -22.53 33.41
N GLY A 468 -2.43 -21.45 33.51
CA GLY A 468 -2.08 -20.67 32.32
C GLY A 468 -3.07 -19.60 31.93
N TRP A 469 -4.00 -19.28 32.81
CA TRP A 469 -5.01 -18.25 32.53
C TRP A 469 -4.75 -16.95 33.26
N GLY A 470 -5.03 -15.84 32.58
CA GLY A 470 -4.87 -14.54 33.17
C GLY A 470 -6.15 -13.76 32.97
N ASN A 471 -6.49 -12.92 33.94
CA ASN A 471 -7.69 -12.11 33.85
C ASN A 471 -7.21 -10.72 33.42
N PHE A 472 -7.15 -10.52 32.11
CA PHE A 472 -6.68 -9.25 31.54
C PHE A 472 -7.73 -8.17 31.47
N SER A 473 -7.32 -6.92 31.68
CA SER A 473 -8.23 -5.79 31.65
C SER A 473 -7.87 -4.73 30.62
N VAL A 474 -8.84 -3.90 30.27
CA VAL A 474 -8.63 -2.85 29.29
C VAL A 474 -9.56 -1.68 29.62
N ASN A 475 -9.12 -0.46 29.33
CA ASN A 475 -9.93 0.73 29.57
C ASN A 475 -10.91 0.87 28.42
N GLY A 476 -11.88 1.78 28.56
CA GLY A 476 -12.84 1.99 27.50
C GLY A 476 -12.22 2.57 26.23
N GLY A 477 -12.74 2.17 25.08
CA GLY A 477 -12.22 2.68 23.82
C GLY A 477 -10.71 2.71 23.80
N SER A 478 -10.10 1.56 24.06
CA SER A 478 -8.64 1.47 24.12
C SER A 478 -8.16 0.05 23.92
N VAL A 479 -6.84 -0.11 23.94
CA VAL A 479 -6.22 -1.43 23.82
C VAL A 479 -5.06 -1.54 24.79
N SER A 480 -4.92 -2.72 25.37
CA SER A 480 -3.82 -3.02 26.28
C SER A 480 -3.20 -4.29 25.72
N ILE A 481 -1.87 -4.36 25.79
CA ILE A 481 -1.15 -5.53 25.29
C ILE A 481 -0.28 -6.02 26.45
N TRP A 482 -0.78 -7.02 27.16
CA TRP A 482 -0.08 -7.58 28.30
C TRP A 482 1.02 -8.55 27.88
N VAL A 483 2.20 -8.35 28.46
CA VAL A 483 3.35 -9.19 28.17
C VAL A 483 4.16 -9.46 29.43
N ASN A 484 5.02 -10.46 29.38
CA ASN A 484 5.86 -10.79 30.52
C ASN A 484 7.17 -10.01 30.42
N LYS A 485 7.09 -8.70 30.59
CA LYS A 485 8.28 -7.86 30.49
C LYS A 485 8.93 -7.55 31.83
#